data_6U0J
#
_entry.id   6U0J
#
_cell.length_a   73.150
_cell.length_b   56.846
_cell.length_c   99.874
_cell.angle_alpha   90.000
_cell.angle_beta   97.840
_cell.angle_gamma   90.000
#
_symmetry.space_group_name_H-M   'C 1 2 1'
#
loop_
_entity.id
_entity.type
_entity.pdbx_description
1 polymer 'Malonyl CoA-acyl carrier protein transacylase'
2 polymer 'Acyl carrier protein'
3 non-polymer 1,2-ETHANEDIOL
4 non-polymer 'SULFATE ION'
5 non-polymer N-[2-(acetylamino)ethyl]-N~3~-[(2R)-2-hydroxy-3,3-dimethyl-4-(phosphonooxy)butanoyl]-beta-alaninamide
6 water water
#
loop_
_entity_poly.entity_id
_entity_poly.type
_entity_poly.pdbx_seq_one_letter_code
_entity_poly.pdbx_strand_id
1 'polypeptide(L)'
;GSHMTQFAFVFPGQGSQTVGMLADMAASYPIVEETFAEASAALGYDLWALTQQGPAEELNKTWQTQPALLTASVALYRVW
QQQGGKAPAMMAGHCLGEYSALVCAGVIDFADAVRLVEMRGKFMQEAVPEGTGAMAAIIGLDDASIAKACEEAAEGQVVS
PVNFNSPGQVVIAGHKEAVERAGAACKAAGAKRALPLPVSVPSHCALMKPAADKLAVELAKITFNAPTVPVVNNVDVKCE
TNGDAIRDALVRQLYNPVQWTKSVEYMAAQGVEHLYEVGPGKVLTGLTKRIVDTLTASALNEPSAMAAALEL
;
A
2 'polypeptide(L)'
;MSTIEERVKKIIGEQLGVKQEEVTNNASFVEDLGADSLDTVELVMALEEEFDTEIPDEEAEKITTVQAAIDYINGHQASH
HHHHH
;
B
#
# COMPACT_ATOMS: atom_id res chain seq x y z
N HIS A 3 -17.63 -15.62 -14.82
CA HIS A 3 -18.38 -14.74 -13.94
C HIS A 3 -18.36 -15.34 -12.55
N MET A 4 -17.38 -16.21 -12.28
CA MET A 4 -17.43 -16.98 -11.04
C MET A 4 -17.05 -16.13 -9.82
N THR A 5 -15.81 -15.66 -9.73
CA THR A 5 -15.31 -14.99 -8.53
C THR A 5 -15.27 -13.48 -8.73
N GLN A 6 -16.00 -12.75 -7.90
CA GLN A 6 -15.98 -11.30 -7.96
C GLN A 6 -14.68 -10.76 -7.38
N PHE A 7 -14.07 -9.81 -8.08
CA PHE A 7 -12.84 -9.21 -7.60
C PHE A 7 -12.89 -7.69 -7.66
N ALA A 8 -12.05 -7.08 -6.82
CA ALA A 8 -11.78 -5.65 -6.85
C ALA A 8 -10.31 -5.42 -7.16
N PHE A 9 -10.01 -4.22 -7.68
CA PHE A 9 -8.65 -3.72 -7.81
C PHE A 9 -8.39 -2.70 -6.70
N VAL A 10 -7.30 -2.89 -5.93
CA VAL A 10 -6.87 -1.94 -4.91
C VAL A 10 -5.53 -1.35 -5.32
N PHE A 11 -5.29 -0.09 -4.97
CA PHE A 11 -4.12 0.67 -5.46
C PHE A 11 -3.29 1.22 -4.31
N PRO A 12 -1.99 0.91 -4.24
CA PRO A 12 -1.19 1.32 -3.08
C PRO A 12 -0.74 2.77 -3.19
N GLY A 13 -0.29 3.29 -2.04
CA GLY A 13 0.14 4.67 -1.94
C GLY A 13 1.62 4.82 -1.64
N GLN A 14 2.00 6.00 -1.15
CA GLN A 14 3.40 6.28 -0.84
C GLN A 14 3.95 5.27 0.14
N GLY A 15 5.21 4.90 -0.04
CA GLY A 15 5.85 3.87 0.75
C GLY A 15 6.05 2.57 0.02
N SER A 16 5.29 2.34 -1.06
CA SER A 16 5.40 1.12 -1.82
C SER A 16 6.41 1.22 -2.98
N GLN A 17 6.96 2.40 -3.25
CA GLN A 17 7.90 2.53 -4.34
C GLN A 17 9.24 1.89 -3.99
N THR A 18 9.90 1.30 -5.00
CA THR A 18 11.29 0.85 -4.89
C THR A 18 12.00 1.10 -6.21
N VAL A 19 13.31 1.34 -6.12
CA VAL A 19 14.12 1.44 -7.34
C VAL A 19 14.10 0.10 -8.08
N GLY A 20 13.75 0.14 -9.36
CA GLY A 20 13.64 -1.04 -10.17
C GLY A 20 12.26 -1.67 -10.21
N MET A 21 11.26 -1.04 -9.62
CA MET A 21 9.92 -1.59 -9.64
C MET A 21 9.40 -1.67 -11.07
N LEU A 22 8.67 -2.75 -11.36
CA LEU A 22 8.03 -3.06 -12.63
C LEU A 22 9.00 -3.39 -13.75
N ALA A 23 10.27 -3.69 -13.42
CA ALA A 23 11.26 -3.95 -14.48
C ALA A 23 10.93 -5.21 -15.28
N ASP A 24 10.44 -6.26 -14.61
CA ASP A 24 10.08 -7.48 -15.35
C ASP A 24 8.84 -7.25 -16.20
N MET A 25 7.86 -6.54 -15.67
CA MET A 25 6.65 -6.28 -16.44
C MET A 25 6.95 -5.45 -17.68
N ALA A 26 7.78 -4.42 -17.53
CA ALA A 26 8.13 -3.58 -18.67
C ALA A 26 8.84 -4.38 -19.75
N ALA A 27 9.70 -5.32 -19.35
CA ALA A 27 10.43 -6.13 -20.32
C ALA A 27 9.51 -7.05 -21.11
N SER A 28 8.39 -7.48 -20.50
CA SER A 28 7.43 -8.28 -21.24
C SER A 28 6.41 -7.47 -22.01
N TYR A 29 6.06 -6.26 -21.55
CA TYR A 29 4.91 -5.54 -22.08
C TYR A 29 5.28 -4.13 -22.46
N PRO A 30 5.53 -3.85 -23.75
CA PRO A 30 5.88 -2.48 -24.19
C PRO A 30 4.92 -1.39 -23.74
N ILE A 31 3.65 -1.70 -23.48
CA ILE A 31 2.72 -0.66 -23.04
C ILE A 31 3.14 -0.04 -21.69
N VAL A 32 3.93 -0.73 -20.88
CA VAL A 32 4.38 -0.14 -19.62
C VAL A 32 5.22 1.10 -19.90
N GLU A 33 6.26 0.97 -20.73
CA GLU A 33 7.08 2.12 -21.02
C GLU A 33 6.39 3.15 -21.92
N GLU A 34 5.37 2.76 -22.71
CA GLU A 34 4.60 3.75 -23.45
CA GLU A 34 4.62 3.76 -23.45
C GLU A 34 3.79 4.63 -22.49
N THR A 35 3.27 4.04 -21.43
CA THR A 35 2.55 4.81 -20.42
C THR A 35 3.48 5.77 -19.68
N PHE A 36 4.69 5.32 -19.36
CA PHE A 36 5.64 6.21 -18.71
C PHE A 36 6.11 7.33 -19.63
N ALA A 37 6.12 7.09 -20.95
CA ALA A 37 6.47 8.17 -21.87
C ALA A 37 5.42 9.27 -21.89
N GLU A 38 4.14 8.92 -21.67
CA GLU A 38 3.08 9.93 -21.57
C GLU A 38 3.23 10.76 -20.30
N ALA A 39 3.45 10.09 -19.16
CA ALA A 39 3.72 10.79 -17.90
C ALA A 39 4.94 11.70 -18.02
N SER A 40 6.01 11.18 -18.63
CA SER A 40 7.27 11.93 -18.74
C SER A 40 7.08 13.20 -19.54
N ALA A 41 6.31 13.13 -20.62
CA ALA A 41 6.04 14.33 -21.40
C ALA A 41 5.29 15.38 -20.57
N ALA A 42 4.34 14.95 -19.73
CA ALA A 42 3.60 15.91 -18.90
C ALA A 42 4.47 16.53 -17.82
N LEU A 43 5.42 15.75 -17.26
CA LEU A 43 6.28 16.18 -16.16
C LEU A 43 7.55 16.93 -16.59
N GLY A 44 8.00 16.75 -17.83
CA GLY A 44 9.23 17.38 -18.28
C GLY A 44 10.52 16.64 -17.97
N TYR A 45 10.45 15.41 -17.48
CA TYR A 45 11.65 14.60 -17.25
C TYR A 45 11.29 13.13 -17.45
N ASP A 46 12.29 12.27 -17.54
CA ASP A 46 12.08 10.86 -17.87
C ASP A 46 11.75 10.08 -16.59
N LEU A 47 10.46 9.84 -16.38
CA LEU A 47 10.02 9.20 -15.14
C LEU A 47 10.46 7.74 -15.08
N TRP A 48 10.52 7.05 -16.22
CA TRP A 48 10.92 5.65 -16.20
C TRP A 48 12.34 5.50 -15.68
N ALA A 49 13.25 6.35 -16.17
CA ALA A 49 14.64 6.29 -15.73
C ALA A 49 14.78 6.56 -14.24
N LEU A 50 14.02 7.52 -13.71
CA LEU A 50 14.03 7.74 -12.27
C LEU A 50 13.62 6.47 -11.52
N THR A 51 12.55 5.81 -11.97
CA THR A 51 12.09 4.62 -11.24
C THR A 51 13.12 3.49 -11.33
N GLN A 52 13.89 3.41 -12.42
CA GLN A 52 14.78 2.29 -12.63
C GLN A 52 16.20 2.53 -12.11
N GLN A 53 16.69 3.76 -12.17
CA GLN A 53 18.06 4.04 -11.75
C GLN A 53 18.15 4.71 -10.38
N GLY A 54 17.10 5.39 -9.94
CA GLY A 54 17.15 6.06 -8.67
C GLY A 54 17.96 7.34 -8.70
N PRO A 55 18.71 7.62 -7.62
CA PRO A 55 18.80 6.77 -6.43
C PRO A 55 17.52 6.80 -5.61
N ALA A 56 17.45 5.96 -4.57
CA ALA A 56 16.24 5.93 -3.76
C ALA A 56 15.96 7.29 -3.12
N GLU A 57 17.01 8.10 -2.90
CA GLU A 57 16.82 9.42 -2.31
C GLU A 57 15.93 10.28 -3.20
N GLU A 58 16.09 10.18 -4.52
CA GLU A 58 15.25 10.94 -5.44
C GLU A 58 13.86 10.33 -5.56
N LEU A 59 13.78 9.00 -5.68
CA LEU A 59 12.50 8.34 -5.80
C LEU A 59 11.62 8.61 -4.58
N ASN A 60 12.23 8.90 -3.43
CA ASN A 60 11.50 9.08 -2.19
C ASN A 60 11.05 10.51 -1.94
N LYS A 61 11.36 11.46 -2.81
CA LYS A 61 10.86 12.82 -2.66
C LYS A 61 9.43 12.92 -3.19
N THR A 62 8.52 13.39 -2.34
CA THR A 62 7.09 13.09 -2.52
C THR A 62 6.53 13.63 -3.82
N TRP A 63 7.02 14.76 -4.32
CA TRP A 63 6.48 15.26 -5.58
C TRP A 63 7.01 14.47 -6.78
N GLN A 64 7.93 13.54 -6.54
CA GLN A 64 8.33 12.56 -7.53
C GLN A 64 7.78 11.18 -7.23
N THR A 65 7.71 10.83 -5.94
CA THR A 65 7.06 9.60 -5.50
C THR A 65 5.65 9.46 -6.07
N GLN A 66 4.86 10.54 -5.97
CA GLN A 66 3.43 10.41 -6.27
C GLN A 66 3.17 10.17 -7.74
N PRO A 67 3.75 10.92 -8.68
CA PRO A 67 3.53 10.57 -10.09
C PRO A 67 4.19 9.25 -10.49
N ALA A 68 5.27 8.83 -9.83
CA ALA A 68 5.88 7.54 -10.15
C ALA A 68 4.92 6.40 -9.81
N LEU A 69 4.31 6.46 -8.62
CA LEU A 69 3.41 5.39 -8.21
C LEU A 69 2.13 5.41 -9.03
N LEU A 70 1.57 6.60 -9.26
CA LEU A 70 0.37 6.69 -10.07
C LEU A 70 0.59 6.07 -11.45
N THR A 71 1.71 6.43 -12.09
CA THR A 71 2.00 5.94 -13.43
C THR A 71 2.23 4.43 -13.42
N ALA A 72 2.91 3.91 -12.40
CA ALA A 72 3.08 2.46 -12.30
C ALA A 72 1.73 1.74 -12.21
N SER A 73 0.81 2.27 -11.41
CA SER A 73 -0.48 1.61 -11.28
C SER A 73 -1.28 1.70 -12.57
N VAL A 74 -1.25 2.84 -13.25
CA VAL A 74 -2.00 2.95 -14.48
C VAL A 74 -1.40 2.05 -15.57
N ALA A 75 -0.08 1.88 -15.57
CA ALA A 75 0.53 1.01 -16.57
C ALA A 75 0.11 -0.44 -16.37
N LEU A 76 0.05 -0.88 -15.11
CA LEU A 76 -0.39 -2.26 -14.83
C LEU A 76 -1.85 -2.48 -15.23
N TYR A 77 -2.70 -1.48 -15.02
CA TYR A 77 -4.11 -1.56 -15.43
C TYR A 77 -4.23 -1.64 -16.95
N ARG A 78 -3.37 -0.90 -17.65
CA ARG A 78 -3.36 -0.97 -19.12
C ARG A 78 -2.82 -2.30 -19.63
N VAL A 79 -1.89 -2.96 -18.93
CA VAL A 79 -1.48 -4.31 -19.31
C VAL A 79 -2.68 -5.25 -19.18
N TRP A 80 -3.33 -5.21 -18.03
CA TRP A 80 -4.49 -6.05 -17.78
C TRP A 80 -5.50 -5.93 -18.91
N GLN A 81 -5.92 -4.69 -19.21
CA GLN A 81 -6.95 -4.47 -20.22
C GLN A 81 -6.46 -4.82 -21.62
N GLN A 82 -5.19 -4.50 -21.92
CA GLN A 82 -4.66 -4.81 -23.24
C GLN A 82 -4.70 -6.31 -23.52
N GLN A 83 -4.39 -7.14 -22.52
CA GLN A 83 -4.41 -8.59 -22.69
C GLN A 83 -5.81 -9.20 -22.55
N GLY A 84 -6.87 -8.38 -22.54
CA GLY A 84 -8.24 -8.86 -22.50
C GLY A 84 -8.86 -9.00 -21.12
N GLY A 85 -8.19 -8.54 -20.07
CA GLY A 85 -8.76 -8.64 -18.74
C GLY A 85 -10.03 -7.82 -18.63
N LYS A 86 -11.00 -8.32 -17.87
CA LYS A 86 -12.22 -7.58 -17.70
C LYS A 86 -12.13 -6.65 -16.51
N ALA A 87 -12.98 -5.62 -16.52
CA ALA A 87 -12.98 -4.62 -15.47
C ALA A 87 -13.37 -5.24 -14.12
N PRO A 88 -12.80 -4.78 -13.03
CA PRO A 88 -13.20 -5.26 -11.70
C PRO A 88 -14.59 -4.78 -11.30
N ALA A 89 -15.13 -5.43 -10.27
CA ALA A 89 -16.45 -5.06 -9.76
C ALA A 89 -16.42 -3.70 -9.07
N MET A 90 -15.33 -3.40 -8.36
CA MET A 90 -15.14 -2.07 -7.79
C MET A 90 -13.65 -1.85 -7.57
N MET A 91 -13.32 -0.62 -7.19
CA MET A 91 -11.95 -0.21 -6.93
C MET A 91 -11.87 0.58 -5.63
N ALA A 92 -10.71 0.49 -4.99
CA ALA A 92 -10.41 1.35 -3.85
C ALA A 92 -8.91 1.65 -3.88
N GLY A 93 -8.56 2.91 -3.70
CA GLY A 93 -7.18 3.35 -3.69
C GLY A 93 -6.79 3.81 -2.29
N HIS A 94 -5.64 3.36 -1.84
CA HIS A 94 -5.12 3.67 -0.52
C HIS A 94 -4.30 4.96 -0.61
N CYS A 95 -4.86 6.07 -0.10
CA CYS A 95 -4.16 7.35 -0.04
C CYS A 95 -3.87 7.90 -1.43
N LEU A 96 -2.59 8.01 -1.82
CA LEU A 96 -2.30 8.38 -3.21
C LEU A 96 -2.97 7.42 -4.20
N GLY A 97 -3.12 6.14 -3.85
CA GLY A 97 -3.82 5.18 -4.71
C GLY A 97 -5.23 5.57 -5.11
N GLU A 98 -5.91 6.44 -4.34
CA GLU A 98 -7.24 6.87 -4.74
C GLU A 98 -7.20 7.63 -6.06
N TYR A 99 -6.15 8.43 -6.29
CA TYR A 99 -5.98 9.05 -7.61
C TYR A 99 -5.81 7.99 -8.71
N SER A 100 -5.05 6.91 -8.45
CA SER A 100 -4.88 5.91 -9.49
C SER A 100 -6.20 5.20 -9.79
N ALA A 101 -7.00 4.98 -8.75
CA ALA A 101 -8.29 4.33 -8.98
C ALA A 101 -9.21 5.23 -9.80
N LEU A 102 -9.18 6.54 -9.52
CA LEU A 102 -10.02 7.49 -10.25
C LEU A 102 -9.63 7.58 -11.72
N VAL A 103 -8.34 7.44 -12.05
CA VAL A 103 -7.92 7.41 -13.45
C VAL A 103 -8.45 6.15 -14.12
N CYS A 104 -8.22 5.01 -13.49
CA CYS A 104 -8.64 3.74 -14.07
C CYS A 104 -10.16 3.62 -14.21
N ALA A 105 -10.93 4.27 -13.32
CA ALA A 105 -12.39 4.31 -13.44
C ALA A 105 -12.89 5.33 -14.46
N GLY A 106 -12.00 6.09 -15.09
CA GLY A 106 -12.44 7.09 -16.07
C GLY A 106 -12.85 8.45 -15.50
N VAL A 107 -12.55 8.75 -14.23
CA VAL A 107 -13.00 10.02 -13.64
C VAL A 107 -12.10 11.17 -14.07
N ILE A 108 -10.78 10.98 -13.97
CA ILE A 108 -9.77 12.01 -14.26
C ILE A 108 -8.92 11.52 -15.42
N ASP A 109 -8.66 12.41 -16.37
CA ASP A 109 -7.72 12.11 -17.44
C ASP A 109 -6.33 11.81 -16.88
N PHE A 110 -5.61 10.86 -17.53
CA PHE A 110 -4.32 10.38 -17.00
C PHE A 110 -3.29 11.50 -16.89
N ALA A 111 -3.08 12.25 -17.97
CA ALA A 111 -2.09 13.32 -17.94
C ALA A 111 -2.48 14.42 -16.93
N ASP A 112 -3.78 14.73 -16.81
CA ASP A 112 -4.25 15.64 -15.75
C ASP A 112 -3.83 15.14 -14.38
N ALA A 113 -4.03 13.84 -14.13
CA ALA A 113 -3.73 13.26 -12.84
C ALA A 113 -2.24 13.31 -12.54
N VAL A 114 -1.40 13.05 -13.55
CA VAL A 114 0.04 13.10 -13.37
C VAL A 114 0.45 14.48 -12.87
N ARG A 115 -0.07 15.53 -13.52
CA ARG A 115 0.25 16.89 -13.09
C ARG A 115 -0.34 17.18 -11.71
N LEU A 116 -1.53 16.65 -11.46
CA LEU A 116 -2.24 16.91 -10.22
C LEU A 116 -1.47 16.36 -9.01
N VAL A 117 -0.99 15.12 -9.10
CA VAL A 117 -0.32 14.56 -7.93
C VAL A 117 1.10 15.12 -7.76
N GLU A 118 1.72 15.61 -8.83
CA GLU A 118 2.98 16.32 -8.65
C GLU A 118 2.75 17.58 -7.81
N MET A 119 1.71 18.34 -8.15
CA MET A 119 1.37 19.53 -7.36
CA MET A 119 1.36 19.53 -7.35
C MET A 119 1.00 19.16 -5.92
N ARG A 120 0.22 18.09 -5.75
CA ARG A 120 -0.15 17.66 -4.40
C ARG A 120 1.09 17.40 -3.54
N GLY A 121 2.09 16.72 -4.10
CA GLY A 121 3.34 16.53 -3.36
C GLY A 121 4.04 17.84 -3.03
N LYS A 122 4.01 18.80 -3.96
CA LYS A 122 4.66 20.08 -3.72
C LYS A 122 3.95 20.86 -2.62
N PHE A 123 2.61 20.84 -2.62
CA PHE A 123 1.87 21.52 -1.55
C PHE A 123 2.15 20.87 -0.20
N MET A 124 2.17 19.55 -0.15
CA MET A 124 2.46 18.84 1.10
C MET A 124 3.85 19.16 1.61
N GLN A 125 4.84 19.14 0.72
CA GLN A 125 6.20 19.46 1.16
C GLN A 125 6.31 20.90 1.62
N GLU A 126 5.62 21.81 0.93
CA GLU A 126 5.55 23.20 1.37
C GLU A 126 5.00 23.33 2.79
N ALA A 127 3.95 22.57 3.10
CA ALA A 127 3.35 22.67 4.43
C ALA A 127 4.22 22.03 5.51
N VAL A 128 4.96 20.99 5.18
CA VAL A 128 5.82 20.28 6.13
C VAL A 128 7.16 19.99 5.46
N PRO A 129 8.15 20.84 5.65
CA PRO A 129 9.38 20.76 4.85
C PRO A 129 10.19 19.48 5.10
N GLU A 130 11.09 19.21 4.14
CA GLU A 130 11.95 18.03 4.15
C GLU A 130 12.68 17.88 5.48
N GLY A 131 12.53 16.71 6.10
CA GLY A 131 13.22 16.42 7.34
C GLY A 131 12.48 16.79 8.60
N THR A 132 11.30 17.40 8.51
CA THR A 132 10.62 17.90 9.70
C THR A 132 9.39 17.08 10.12
N GLY A 133 8.80 16.28 9.23
CA GLY A 133 7.69 15.43 9.56
C GLY A 133 8.06 13.95 9.49
N ALA A 134 7.10 13.10 9.88
CA ALA A 134 7.35 11.66 9.93
C ALA A 134 6.02 10.91 9.97
N MET A 135 6.09 9.62 9.59
CA MET A 135 5.00 8.66 9.73
C MET A 135 5.57 7.38 10.31
N ALA A 136 4.78 6.72 11.16
CA ALA A 136 5.21 5.49 11.83
C ALA A 136 4.04 4.52 11.94
N ALA A 137 4.32 3.23 11.74
CA ALA A 137 3.28 2.20 11.82
C ALA A 137 3.36 1.54 13.19
N ILE A 138 2.34 1.74 14.02
CA ILE A 138 2.25 1.13 15.33
C ILE A 138 1.55 -0.22 15.19
N ILE A 139 2.25 -1.30 15.54
CA ILE A 139 1.77 -2.65 15.33
C ILE A 139 1.32 -3.24 16.66
N GLY A 140 0.13 -3.81 16.67
CA GLY A 140 -0.37 -4.52 17.83
C GLY A 140 -0.60 -3.68 19.06
N LEU A 141 -1.43 -2.65 18.96
CA LEU A 141 -1.82 -1.87 20.12
C LEU A 141 -3.21 -1.30 19.88
N ASP A 142 -4.05 -1.36 20.91
CA ASP A 142 -5.43 -0.90 20.82
C ASP A 142 -5.49 0.61 20.52
N ASP A 143 -6.64 1.01 19.95
CA ASP A 143 -6.78 2.38 19.46
C ASP A 143 -6.93 3.39 20.59
N ALA A 144 -7.46 2.97 21.74
CA ALA A 144 -7.49 3.87 22.90
C ALA A 144 -6.08 4.21 23.36
N SER A 145 -5.20 3.21 23.40
CA SER A 145 -3.85 3.44 23.91
C SER A 145 -3.04 4.32 22.97
N ILE A 146 -3.17 4.11 21.66
CA ILE A 146 -2.41 4.92 20.71
C ILE A 146 -2.85 6.38 20.81
N ALA A 147 -4.15 6.62 20.92
CA ALA A 147 -4.64 7.99 21.03
C ALA A 147 -4.13 8.64 22.31
N LYS A 148 -4.08 7.87 23.40
CA LYS A 148 -3.50 8.37 24.65
C LYS A 148 -2.00 8.63 24.50
N ALA A 149 -1.27 7.71 23.87
CA ALA A 149 0.16 7.94 23.65
C ALA A 149 0.39 9.20 22.83
N CYS A 150 -0.42 9.40 21.78
CA CYS A 150 -0.29 10.59 20.94
C CYS A 150 -0.58 11.87 21.70
N GLU A 151 -1.66 11.88 22.49
CA GLU A 151 -2.03 13.10 23.22
C GLU A 151 -0.91 13.52 24.17
N GLU A 152 -0.29 12.57 24.85
CA GLU A 152 0.72 12.87 25.84
C GLU A 152 2.07 13.21 25.22
N ALA A 153 2.32 12.79 23.98
CA ALA A 153 3.58 13.01 23.30
C ALA A 153 3.61 14.30 22.46
N ALA A 154 2.47 14.98 22.30
CA ALA A 154 2.42 16.14 21.42
C ALA A 154 3.41 17.22 21.84
N GLU A 155 3.37 17.62 23.11
CA GLU A 155 4.32 18.59 23.65
C GLU A 155 4.38 19.84 22.78
N GLY A 156 3.20 20.41 22.51
CA GLY A 156 3.10 21.57 21.66
C GLY A 156 3.31 21.32 20.18
N GLN A 157 3.46 20.06 19.76
CA GLN A 157 3.61 19.68 18.36
C GLN A 157 2.38 18.87 17.95
N VAL A 158 2.38 18.38 16.71
CA VAL A 158 1.27 17.63 16.15
C VAL A 158 1.68 16.17 16.02
N VAL A 159 0.83 15.25 16.49
CA VAL A 159 0.97 13.82 16.18
C VAL A 159 -0.37 13.15 16.44
N SER A 160 -0.86 12.34 15.50
CA SER A 160 -2.17 11.72 15.68
C SER A 160 -2.26 10.47 14.82
N PRO A 161 -3.21 9.57 15.13
CA PRO A 161 -3.46 8.42 14.25
C PRO A 161 -4.13 8.88 12.96
N VAL A 162 -3.58 8.45 11.83
CA VAL A 162 -4.10 8.92 10.56
C VAL A 162 -4.56 7.79 9.63
N ASN A 163 -4.01 6.57 9.78
CA ASN A 163 -4.40 5.47 8.89
C ASN A 163 -4.85 4.26 9.70
N PHE A 164 -6.10 3.88 9.56
CA PHE A 164 -6.59 2.65 10.18
C PHE A 164 -6.45 1.58 9.12
N ASN A 165 -5.32 0.89 9.15
CA ASN A 165 -4.91 0.00 8.08
C ASN A 165 -5.42 -1.42 8.29
N SER A 166 -5.41 -1.89 9.52
CA SER A 166 -6.07 -3.14 9.87
C SER A 166 -6.30 -3.15 11.37
N PRO A 167 -7.08 -4.10 11.87
CA PRO A 167 -6.90 -4.49 13.28
C PRO A 167 -5.42 -4.76 13.53
N GLY A 168 -4.88 -4.09 14.55
CA GLY A 168 -3.48 -4.27 14.86
C GLY A 168 -2.48 -3.50 14.02
N GLN A 169 -2.92 -2.57 13.16
CA GLN A 169 -1.99 -1.66 12.49
C GLN A 169 -2.65 -0.30 12.33
N VAL A 170 -2.09 0.70 13.00
CA VAL A 170 -2.51 2.09 12.89
C VAL A 170 -1.26 2.91 12.61
N VAL A 171 -1.32 3.75 11.57
CA VAL A 171 -0.19 4.64 11.24
C VAL A 171 -0.45 5.99 11.92
N ILE A 172 0.59 6.55 12.54
CA ILE A 172 0.55 7.88 13.15
C ILE A 172 1.46 8.79 12.35
N ALA A 173 1.22 10.09 12.47
CA ALA A 173 1.99 11.06 11.68
C ALA A 173 1.89 12.43 12.33
N GLY A 174 2.89 13.25 12.03
CA GLY A 174 3.00 14.60 12.60
C GLY A 174 4.43 15.09 12.50
N HIS A 175 4.80 15.96 13.45
CA HIS A 175 6.18 16.41 13.54
C HIS A 175 7.10 15.26 13.89
N LYS A 176 8.30 15.27 13.30
CA LYS A 176 9.23 14.15 13.44
C LYS A 176 9.47 13.80 14.90
N GLU A 177 9.84 14.79 15.71
CA GLU A 177 10.15 14.53 17.12
C GLU A 177 8.92 14.05 17.88
N ALA A 178 7.75 14.60 17.56
CA ALA A 178 6.53 14.13 18.18
C ALA A 178 6.25 12.67 17.81
N VAL A 179 6.52 12.30 16.55
CA VAL A 179 6.30 10.92 16.12
C VAL A 179 7.20 9.97 16.90
N GLU A 180 8.47 10.36 17.11
CA GLU A 180 9.38 9.52 17.89
C GLU A 180 8.90 9.36 19.33
N ARG A 181 8.46 10.45 19.97
CA ARG A 181 7.98 10.34 21.34
C ARG A 181 6.71 9.49 21.44
N ALA A 182 5.82 9.60 20.46
CA ALA A 182 4.60 8.79 20.48
C ALA A 182 4.91 7.31 20.24
N GLY A 183 5.86 7.02 19.36
CA GLY A 183 6.23 5.63 19.12
C GLY A 183 6.89 4.98 20.32
N ALA A 184 7.82 5.69 20.97
CA ALA A 184 8.41 5.20 22.20
C ALA A 184 7.35 4.91 23.26
N ALA A 185 6.43 5.85 23.48
CA ALA A 185 5.35 5.62 24.44
C ALA A 185 4.42 4.49 24.00
N CYS A 186 4.23 4.29 22.69
CA CYS A 186 3.44 3.15 22.24
C CYS A 186 4.14 1.84 22.61
N LYS A 187 5.44 1.74 22.31
CA LYS A 187 6.20 0.55 22.68
C LYS A 187 6.17 0.32 24.19
N ALA A 188 6.38 1.40 24.96
CA ALA A 188 6.29 1.33 26.42
C ALA A 188 4.92 0.92 26.90
N ALA A 189 3.88 1.10 26.10
CA ALA A 189 2.53 0.73 26.47
C ALA A 189 2.11 -0.65 25.97
N GLY A 190 2.98 -1.35 25.26
CA GLY A 190 2.69 -2.72 24.89
C GLY A 190 2.62 -3.00 23.40
N ALA A 191 3.07 -2.05 22.58
CA ALA A 191 3.05 -2.21 21.14
C ALA A 191 4.20 -3.08 20.68
N LYS A 192 3.94 -3.92 19.69
CA LYS A 192 4.94 -4.86 19.20
C LYS A 192 6.07 -4.15 18.45
N ARG A 193 5.73 -3.13 17.66
N ARG A 193 5.73 -3.12 17.68
CA ARG A 193 6.72 -2.39 16.88
CA ARG A 193 6.74 -2.37 16.93
C ARG A 193 6.24 -0.95 16.69
C ARG A 193 6.24 -0.95 16.72
N ALA A 194 7.19 -0.05 16.45
CA ALA A 194 6.92 1.34 16.07
C ALA A 194 7.86 1.59 14.89
N LEU A 195 7.35 1.37 13.68
CA LEU A 195 8.21 1.25 12.51
C LEU A 195 8.16 2.52 11.68
N PRO A 196 9.28 3.22 11.49
CA PRO A 196 9.28 4.40 10.62
C PRO A 196 9.12 4.03 9.16
N LEU A 197 8.43 4.90 8.41
CA LEU A 197 8.05 4.60 7.05
C LEU A 197 8.77 5.51 6.04
N PRO A 198 9.09 4.98 4.85
CA PRO A 198 9.82 5.75 3.82
C PRO A 198 8.95 6.74 3.07
N VAL A 199 8.44 7.76 3.79
CA VAL A 199 7.68 8.84 3.18
C VAL A 199 8.30 10.16 3.64
N SER A 200 8.28 11.17 2.74
CA SER A 200 8.95 12.43 3.04
C SER A 200 8.02 13.50 3.59
N VAL A 201 6.73 13.20 3.76
CA VAL A 201 5.79 14.12 4.39
C VAL A 201 4.79 13.33 5.21
N PRO A 202 4.25 13.93 6.27
CA PRO A 202 3.21 13.27 7.06
C PRO A 202 1.79 13.47 6.52
N SER A 203 1.35 12.60 5.62
CA SER A 203 0.02 12.74 5.02
C SER A 203 -1.09 12.55 6.07
N HIS A 204 -2.24 13.16 5.80
CA HIS A 204 -3.52 12.93 6.49
C HIS A 204 -3.55 13.44 7.92
N CYS A 205 -2.60 14.29 8.33
CA CYS A 205 -2.69 14.93 9.63
C CYS A 205 -3.00 16.42 9.45
N ALA A 206 -3.38 17.06 10.56
CA ALA A 206 -3.82 18.45 10.55
C ALA A 206 -2.78 19.40 9.96
N LEU A 207 -1.50 19.03 9.96
CA LEU A 207 -0.49 19.91 9.36
C LEU A 207 -0.72 20.12 7.87
N MET A 208 -1.48 19.23 7.23
CA MET A 208 -1.74 19.32 5.80
C MET A 208 -2.92 20.23 5.45
N LYS A 209 -3.63 20.78 6.44
CA LYS A 209 -4.82 21.58 6.14
C LYS A 209 -4.56 22.75 5.17
N PRO A 210 -3.52 23.57 5.34
CA PRO A 210 -3.22 24.59 4.32
C PRO A 210 -2.88 24.00 2.96
N ALA A 211 -2.22 22.85 2.91
CA ALA A 211 -2.01 22.17 1.63
C ALA A 211 -3.33 21.78 0.98
N ALA A 212 -4.33 21.39 1.79
CA ALA A 212 -5.63 21.00 1.21
C ALA A 212 -6.36 22.21 0.63
N ASP A 213 -6.18 23.40 1.23
CA ASP A 213 -6.80 24.60 0.67
C ASP A 213 -6.28 24.88 -0.74
N LYS A 214 -4.97 24.74 -0.95
CA LYS A 214 -4.41 24.91 -2.29
C LYS A 214 -4.86 23.80 -3.23
N LEU A 215 -4.94 22.57 -2.73
CA LEU A 215 -5.38 21.45 -3.58
C LEU A 215 -6.81 21.64 -4.05
N ALA A 216 -7.67 22.22 -3.20
CA ALA A 216 -9.05 22.50 -3.62
C ALA A 216 -9.09 23.39 -4.85
N VAL A 217 -8.21 24.39 -4.91
CA VAL A 217 -8.24 25.28 -6.07
C VAL A 217 -7.74 24.57 -7.32
N GLU A 218 -6.74 23.71 -7.18
CA GLU A 218 -6.25 22.97 -8.36
C GLU A 218 -7.28 21.94 -8.85
N LEU A 219 -7.98 21.27 -7.93
CA LEU A 219 -8.97 20.28 -8.37
C LEU A 219 -10.14 20.94 -9.08
N ALA A 220 -10.50 22.17 -8.68
CA ALA A 220 -11.53 22.93 -9.38
C ALA A 220 -11.17 23.19 -10.83
N LYS A 221 -9.89 23.21 -11.19
CA LYS A 221 -9.50 23.54 -12.54
C LYS A 221 -9.48 22.32 -13.47
N ILE A 222 -9.96 21.16 -13.01
CA ILE A 222 -9.82 19.90 -13.72
C ILE A 222 -11.19 19.29 -13.98
N THR A 223 -11.36 18.70 -15.15
CA THR A 223 -12.62 18.05 -15.48
C THR A 223 -12.71 16.70 -14.76
N PHE A 224 -13.86 16.45 -14.12
CA PHE A 224 -14.18 15.13 -13.56
C PHE A 224 -15.37 14.54 -14.31
N ASN A 225 -15.27 13.27 -14.69
CA ASN A 225 -16.32 12.51 -15.36
C ASN A 225 -16.95 11.50 -14.41
N ALA A 226 -18.11 11.00 -14.78
CA ALA A 226 -18.77 9.99 -13.96
C ALA A 226 -17.99 8.68 -14.03
N PRO A 227 -17.72 8.02 -12.91
CA PRO A 227 -16.91 6.79 -12.95
C PRO A 227 -17.64 5.66 -13.65
N THR A 228 -16.90 4.84 -14.40
CA THR A 228 -17.50 3.66 -15.04
C THR A 228 -17.44 2.41 -14.17
N VAL A 229 -16.76 2.49 -13.04
CA VAL A 229 -16.59 1.41 -12.06
C VAL A 229 -16.69 2.07 -10.69
N PRO A 230 -17.45 1.51 -9.75
CA PRO A 230 -17.56 2.15 -8.42
C PRO A 230 -16.20 2.26 -7.74
N VAL A 231 -15.94 3.43 -7.13
CA VAL A 231 -14.72 3.66 -6.36
C VAL A 231 -15.08 4.00 -4.93
N VAL A 232 -14.54 3.25 -3.96
CA VAL A 232 -14.80 3.52 -2.55
C VAL A 232 -13.79 4.52 -2.01
N ASN A 233 -14.25 5.65 -1.48
CA ASN A 233 -13.25 6.63 -1.07
C ASN A 233 -12.79 6.40 0.37
N ASN A 234 -11.60 6.93 0.67
CA ASN A 234 -10.91 6.68 1.94
C ASN A 234 -11.53 7.43 3.11
N VAL A 235 -12.04 8.64 2.88
CA VAL A 235 -12.39 9.50 4.01
C VAL A 235 -13.79 9.18 4.53
N ASP A 236 -14.74 8.84 3.65
CA ASP A 236 -16.13 8.57 4.04
C ASP A 236 -16.56 7.12 3.83
N VAL A 237 -15.75 6.29 3.16
CA VAL A 237 -16.12 4.94 2.76
C VAL A 237 -17.41 4.99 1.93
N LYS A 238 -17.40 5.85 0.91
CA LYS A 238 -18.56 6.06 0.05
C LYS A 238 -18.17 5.98 -1.42
N CYS A 239 -19.11 5.50 -2.23
CA CYS A 239 -18.93 5.47 -3.69
C CYS A 239 -19.62 6.71 -4.27
N GLU A 240 -18.85 7.79 -4.42
CA GLU A 240 -19.40 9.01 -5.03
C GLU A 240 -19.33 8.95 -6.54
N THR A 241 -20.29 9.62 -7.20
CA THR A 241 -20.29 9.74 -8.65
C THR A 241 -20.21 11.18 -9.15
N ASN A 242 -20.77 12.16 -8.41
CA ASN A 242 -20.74 13.56 -8.84
C ASN A 242 -19.33 14.16 -8.72
N GLY A 243 -19.00 15.05 -9.65
CA GLY A 243 -17.69 15.69 -9.65
C GLY A 243 -17.40 16.45 -8.36
N ASP A 244 -18.40 17.18 -7.83
CA ASP A 244 -18.10 17.99 -6.64
C ASP A 244 -17.88 17.12 -5.42
N ALA A 245 -18.61 16.00 -5.32
CA ALA A 245 -18.45 15.08 -4.20
C ALA A 245 -17.06 14.43 -4.19
N ILE A 246 -16.61 13.99 -5.37
CA ILE A 246 -15.30 13.36 -5.48
C ILE A 246 -14.20 14.39 -5.17
N ARG A 247 -14.32 15.61 -5.70
CA ARG A 247 -13.32 16.64 -5.42
C ARG A 247 -13.22 16.90 -3.91
N ASP A 248 -14.37 17.04 -3.25
CA ASP A 248 -14.36 17.34 -1.82
C ASP A 248 -13.72 16.22 -1.02
N ALA A 249 -13.89 14.97 -1.46
CA ALA A 249 -13.36 13.86 -0.69
C ALA A 249 -11.84 13.77 -0.82
N LEU A 250 -11.31 14.13 -1.99
CA LEU A 250 -9.86 14.26 -2.17
C LEU A 250 -9.30 15.40 -1.30
N VAL A 251 -9.97 16.56 -1.26
CA VAL A 251 -9.51 17.65 -0.42
C VAL A 251 -9.44 17.21 1.04
N ARG A 252 -10.53 16.60 1.55
CA ARG A 252 -10.57 16.20 2.95
C ARG A 252 -9.64 15.04 3.26
N GLN A 253 -9.33 14.21 2.27
CA GLN A 253 -8.42 13.09 2.51
C GLN A 253 -7.04 13.57 2.98
N LEU A 254 -6.62 14.72 2.49
CA LEU A 254 -5.28 15.19 2.77
C LEU A 254 -5.05 15.45 4.26
N TYR A 255 -6.11 15.74 5.04
CA TYR A 255 -5.92 16.09 6.44
C TYR A 255 -6.89 15.39 7.39
N ASN A 256 -7.50 14.27 6.98
CA ASN A 256 -8.37 13.46 7.81
C ASN A 256 -7.98 11.99 7.70
N PRO A 257 -8.40 11.13 8.64
CA PRO A 257 -7.95 9.73 8.62
C PRO A 257 -8.45 8.94 7.41
N VAL A 258 -7.59 8.00 6.97
CA VAL A 258 -7.90 7.04 5.91
C VAL A 258 -8.54 5.82 6.56
N GLN A 259 -9.77 5.50 6.15
CA GLN A 259 -10.52 4.38 6.75
C GLN A 259 -10.34 3.13 5.91
N TRP A 260 -9.14 2.54 5.94
CA TRP A 260 -8.87 1.40 5.06
C TRP A 260 -9.55 0.13 5.56
N THR A 261 -9.56 -0.09 6.88
CA THR A 261 -10.28 -1.24 7.42
C THR A 261 -11.75 -1.25 7.00
N LYS A 262 -12.45 -0.13 7.20
CA LYS A 262 -13.87 -0.06 6.86
C LYS A 262 -14.10 -0.16 5.36
N SER A 263 -13.15 0.32 4.57
CA SER A 263 -13.25 0.26 3.11
C SER A 263 -13.23 -1.19 2.62
N VAL A 264 -12.34 -2.02 3.19
CA VAL A 264 -12.23 -3.41 2.79
C VAL A 264 -13.42 -4.22 3.32
N GLU A 265 -13.88 -3.91 4.53
CA GLU A 265 -15.13 -4.47 5.03
C GLU A 265 -16.29 -4.16 4.08
N TYR A 266 -16.39 -2.93 3.61
CA TYR A 266 -17.48 -2.57 2.71
C TYR A 266 -17.43 -3.38 1.42
N MET A 267 -16.24 -3.51 0.81
CA MET A 267 -16.16 -4.29 -0.42
C MET A 267 -16.59 -5.73 -0.19
N ALA A 268 -16.12 -6.34 0.90
CA ALA A 268 -16.53 -7.71 1.18
C ALA A 268 -18.04 -7.79 1.35
N ALA A 269 -18.64 -6.81 2.04
CA ALA A 269 -20.09 -6.78 2.22
C ALA A 269 -20.84 -6.62 0.90
N GLN A 270 -20.22 -6.02 -0.11
CA GLN A 270 -20.84 -5.94 -1.42
C GLN A 270 -20.66 -7.19 -2.26
N GLY A 271 -19.96 -8.20 -1.74
CA GLY A 271 -19.78 -9.45 -2.46
C GLY A 271 -18.45 -9.60 -3.18
N VAL A 272 -17.47 -8.75 -2.91
CA VAL A 272 -16.13 -8.95 -3.44
C VAL A 272 -15.47 -10.09 -2.69
N GLU A 273 -14.83 -11.00 -3.44
CA GLU A 273 -14.20 -12.18 -2.86
C GLU A 273 -12.67 -12.17 -2.95
N HIS A 274 -12.09 -11.41 -3.86
CA HIS A 274 -10.65 -11.37 -4.06
C HIS A 274 -10.23 -9.94 -4.36
N LEU A 275 -9.16 -9.50 -3.72
CA LEU A 275 -8.54 -8.20 -4.00
C LEU A 275 -7.26 -8.44 -4.80
N TYR A 276 -7.14 -7.82 -5.97
CA TYR A 276 -5.87 -7.75 -6.69
C TYR A 276 -5.20 -6.41 -6.41
N GLU A 277 -3.94 -6.43 -5.98
CA GLU A 277 -3.18 -5.20 -5.73
C GLU A 277 -2.48 -4.77 -7.03
N VAL A 278 -2.86 -3.60 -7.53
CA VAL A 278 -2.43 -3.09 -8.83
C VAL A 278 -1.40 -2.00 -8.61
N GLY A 279 -0.16 -2.40 -8.33
CA GLY A 279 0.91 -1.47 -8.01
C GLY A 279 2.10 -2.26 -7.52
N PRO A 280 3.22 -1.59 -7.24
CA PRO A 280 4.39 -2.30 -6.74
C PRO A 280 4.21 -2.73 -5.29
N GLY A 281 4.99 -3.73 -4.89
CA GLY A 281 4.98 -4.22 -3.53
C GLY A 281 3.75 -5.05 -3.20
N LYS A 282 3.68 -5.48 -1.93
CA LYS A 282 2.62 -6.38 -1.45
C LYS A 282 2.01 -5.87 -0.15
N VAL A 283 2.02 -4.55 0.07
CA VAL A 283 1.56 -3.99 1.34
C VAL A 283 0.06 -4.24 1.53
N LEU A 284 -0.74 -3.87 0.53
CA LEU A 284 -2.18 -4.02 0.68
C LEU A 284 -2.58 -5.48 0.76
N THR A 285 -1.88 -6.34 -0.01
CA THR A 285 -2.12 -7.78 0.07
C THR A 285 -1.90 -8.30 1.47
N GLY A 286 -0.82 -7.87 2.13
CA GLY A 286 -0.53 -8.34 3.48
C GLY A 286 -1.54 -7.90 4.53
N LEU A 287 -2.37 -6.90 4.24
CA LEU A 287 -3.36 -6.43 5.20
C LEU A 287 -4.68 -7.19 5.15
N THR A 288 -4.99 -7.81 4.01
CA THR A 288 -6.38 -8.13 3.67
C THR A 288 -6.99 -9.16 4.61
N LYS A 289 -6.26 -10.25 4.89
CA LYS A 289 -6.84 -11.30 5.72
C LYS A 289 -7.00 -10.88 7.17
N ARG A 290 -6.17 -9.93 7.65
N ARG A 290 -6.17 -9.94 7.64
CA ARG A 290 -6.35 -9.43 9.00
CA ARG A 290 -6.33 -9.41 8.99
C ARG A 290 -7.58 -8.54 9.13
C ARG A 290 -7.60 -8.56 9.13
N ILE A 291 -8.13 -8.06 8.03
CA ILE A 291 -9.37 -7.28 8.08
C ILE A 291 -10.58 -8.19 7.94
N VAL A 292 -10.63 -9.00 6.88
CA VAL A 292 -11.71 -9.94 6.64
C VAL A 292 -11.09 -11.30 6.37
N ASP A 293 -11.28 -12.24 7.30
CA ASP A 293 -10.54 -13.50 7.22
C ASP A 293 -10.92 -14.33 5.99
N THR A 294 -12.11 -14.13 5.43
CA THR A 294 -12.55 -14.95 4.29
C THR A 294 -12.19 -14.34 2.94
N LEU A 295 -11.59 -13.15 2.92
CA LEU A 295 -11.07 -12.57 1.68
C LEU A 295 -9.73 -13.18 1.30
N THR A 296 -9.46 -13.25 0.00
CA THR A 296 -8.14 -13.59 -0.52
C THR A 296 -7.58 -12.38 -1.28
N ALA A 297 -6.26 -12.35 -1.45
CA ALA A 297 -5.65 -11.20 -2.13
C ALA A 297 -4.34 -11.63 -2.79
N SER A 298 -3.98 -10.93 -3.86
CA SER A 298 -2.71 -11.17 -4.54
C SER A 298 -2.34 -9.91 -5.32
N ALA A 299 -1.10 -9.87 -5.79
CA ALA A 299 -0.54 -8.72 -6.48
C ALA A 299 -0.42 -9.00 -7.97
N LEU A 300 -0.54 -7.93 -8.77
CA LEU A 300 -0.43 -8.03 -10.21
C LEU A 300 0.75 -7.21 -10.73
N ASN A 301 1.91 -7.32 -10.10
CA ASN A 301 3.07 -6.54 -10.54
C ASN A 301 4.22 -7.40 -11.09
N GLU A 302 4.05 -8.72 -11.18
CA GLU A 302 5.00 -9.54 -11.90
C GLU A 302 4.34 -10.20 -13.11
N PRO A 303 5.08 -10.40 -14.20
CA PRO A 303 4.45 -10.96 -15.41
C PRO A 303 3.86 -12.34 -15.18
N SER A 304 4.45 -13.15 -14.30
CA SER A 304 3.93 -14.48 -14.08
C SER A 304 2.59 -14.43 -13.35
N ALA A 305 2.48 -13.57 -12.33
CA ALA A 305 1.20 -13.34 -11.66
C ALA A 305 0.17 -12.79 -12.62
N MET A 306 0.56 -11.86 -13.49
CA MET A 306 -0.37 -11.32 -14.47
C MET A 306 -0.91 -12.43 -15.38
N ALA A 307 -0.02 -13.28 -15.90
CA ALA A 307 -0.43 -14.36 -16.78
C ALA A 307 -1.40 -15.30 -16.08
N ALA A 308 -1.08 -15.72 -14.85
CA ALA A 308 -1.92 -16.66 -14.14
C ALA A 308 -3.30 -16.08 -13.85
N ALA A 309 -3.38 -14.77 -13.57
CA ALA A 309 -4.67 -14.15 -13.28
C ALA A 309 -5.52 -14.01 -14.53
N LEU A 310 -4.90 -13.75 -15.67
CA LEU A 310 -5.64 -13.60 -16.92
C LEU A 310 -6.20 -14.93 -17.44
N GLU A 311 -5.57 -16.04 -17.06
CA GLU A 311 -6.03 -17.38 -17.55
C GLU A 311 -7.25 -17.91 -16.79
N SER B 2 8.82 -36.84 14.50
CA SER B 2 8.88 -35.52 13.91
C SER B 2 10.12 -35.36 13.02
N THR B 3 9.89 -35.34 11.71
CA THR B 3 10.96 -35.13 10.76
C THR B 3 11.15 -33.64 10.48
N ILE B 4 12.13 -33.33 9.62
CA ILE B 4 12.38 -31.93 9.26
C ILE B 4 11.14 -31.27 8.69
N GLU B 5 10.43 -31.97 7.80
CA GLU B 5 9.28 -31.37 7.13
C GLU B 5 8.12 -31.13 8.10
N GLU B 6 7.93 -32.05 9.04
CA GLU B 6 6.89 -31.89 10.06
C GLU B 6 7.24 -30.75 11.02
N ARG B 7 8.52 -30.58 11.35
CA ARG B 7 8.92 -29.50 12.24
C ARG B 7 8.81 -28.14 11.55
N VAL B 8 9.18 -28.08 10.27
CA VAL B 8 9.00 -26.84 9.51
C VAL B 8 7.52 -26.50 9.41
N LYS B 9 6.67 -27.51 9.22
CA LYS B 9 5.25 -27.23 9.07
C LYS B 9 4.63 -26.73 10.37
N LYS B 10 5.04 -27.31 11.51
CA LYS B 10 4.48 -26.87 12.78
C LYS B 10 4.84 -25.42 13.07
N ILE B 11 6.10 -25.05 12.89
CA ILE B 11 6.56 -23.70 13.16
CA ILE B 11 6.52 -23.69 13.20
C ILE B 11 5.78 -22.69 12.34
N ILE B 12 5.59 -22.99 11.03
CA ILE B 12 4.82 -22.09 10.17
C ILE B 12 3.41 -21.92 10.71
N GLY B 13 2.77 -23.03 11.10
CA GLY B 13 1.46 -22.97 11.69
C GLY B 13 1.43 -22.18 12.99
N GLU B 14 2.46 -22.36 13.83
CA GLU B 14 2.55 -21.59 15.06
C GLU B 14 2.71 -20.10 14.76
N GLN B 15 3.73 -19.76 13.96
CA GLN B 15 4.02 -18.35 13.68
C GLN B 15 2.83 -17.65 13.03
N LEU B 16 2.23 -18.29 12.03
CA LEU B 16 1.14 -17.66 11.23
C LEU B 16 -0.26 -17.86 11.82
N GLY B 17 -0.37 -18.60 12.92
CA GLY B 17 -1.68 -18.85 13.52
C GLY B 17 -2.56 -19.54 12.52
N VAL B 18 -2.19 -20.75 12.14
CA VAL B 18 -2.94 -21.47 11.09
C VAL B 18 -3.01 -22.96 11.42
N LYS B 19 -4.10 -23.62 11.02
CA LYS B 19 -4.30 -25.07 11.30
C LYS B 19 -3.30 -25.88 10.44
N GLN B 20 -2.79 -27.00 10.96
CA GLN B 20 -1.76 -27.83 10.25
C GLN B 20 -2.26 -28.23 8.87
N GLU B 21 -3.54 -28.53 8.74
CA GLU B 21 -4.06 -28.97 7.42
C GLU B 21 -3.96 -27.82 6.39
N GLU B 22 -3.91 -26.58 6.85
CA GLU B 22 -3.80 -25.48 5.90
C GLU B 22 -2.37 -25.20 5.48
N VAL B 23 -1.39 -25.72 6.20
CA VAL B 23 0.02 -25.54 5.85
C VAL B 23 0.40 -26.62 4.86
N THR B 24 -0.08 -26.50 3.62
CA THR B 24 0.25 -27.43 2.55
C THR B 24 1.56 -27.04 1.89
N ASN B 25 2.20 -28.02 1.24
CA ASN B 25 3.55 -27.82 0.70
C ASN B 25 3.61 -26.67 -0.29
N ASN B 26 2.51 -26.39 -1.00
CA ASN B 26 2.52 -25.38 -2.07
C ASN B 26 2.02 -24.02 -1.63
N ALA B 27 1.56 -23.88 -0.39
CA ALA B 27 1.07 -22.60 0.09
C ALA B 27 2.19 -21.57 0.13
N SER B 28 1.86 -20.34 -0.28
CA SER B 28 2.73 -19.19 -0.05
C SER B 28 2.31 -18.49 1.24
N PHE B 29 3.27 -17.86 1.91
CA PHE B 29 2.97 -17.28 3.22
C PHE B 29 2.00 -16.12 3.10
N VAL B 30 2.22 -15.25 2.12
CA VAL B 30 1.43 -14.03 1.99
C VAL B 30 0.05 -14.34 1.41
N GLU B 31 0.00 -14.88 0.19
CA GLU B 31 -1.27 -15.00 -0.52
C GLU B 31 -2.17 -16.12 -0.01
N ASP B 32 -1.61 -17.15 0.62
CA ASP B 32 -2.41 -18.27 1.08
C ASP B 32 -2.58 -18.32 2.59
N LEU B 33 -1.52 -18.09 3.34
CA LEU B 33 -1.58 -18.19 4.79
C LEU B 33 -1.75 -16.84 5.46
N GLY B 34 -1.87 -15.76 4.69
CA GLY B 34 -2.19 -14.45 5.24
C GLY B 34 -1.07 -13.72 5.95
N ALA B 35 0.19 -14.04 5.66
CA ALA B 35 1.28 -13.31 6.31
C ALA B 35 1.52 -11.97 5.62
N ASP B 36 2.02 -11.00 6.40
CA ASP B 36 2.60 -9.79 5.83
C ASP B 36 4.13 -9.89 5.90
N SER B 37 4.79 -8.80 5.51
CA SER B 37 6.24 -8.82 5.43
C SER B 37 6.91 -8.82 6.80
N LEU B 38 6.21 -8.35 7.84
CA LEU B 38 6.79 -8.47 9.18
C LEU B 38 6.71 -9.91 9.68
N ASP B 39 5.58 -10.59 9.41
CA ASP B 39 5.41 -11.98 9.83
C ASP B 39 6.42 -12.91 9.17
N THR B 40 6.77 -12.65 7.90
CA THR B 40 7.74 -13.51 7.23
C THR B 40 9.14 -13.36 7.82
N VAL B 41 9.54 -12.12 8.15
CA VAL B 41 10.85 -11.94 8.80
C VAL B 41 10.89 -12.66 10.14
N GLU B 42 9.80 -12.61 10.91
CA GLU B 42 9.75 -13.36 12.16
C GLU B 42 9.76 -14.87 11.92
N LEU B 43 9.08 -15.33 10.86
CA LEU B 43 9.06 -16.76 10.56
C LEU B 43 10.45 -17.27 10.21
N VAL B 44 11.23 -16.48 9.47
CA VAL B 44 12.58 -16.89 9.14
C VAL B 44 13.45 -16.97 10.39
N MET B 45 13.34 -15.96 11.27
CA MET B 45 14.04 -16.00 12.54
C MET B 45 13.68 -17.26 13.33
N ALA B 46 12.40 -17.59 13.40
CA ALA B 46 11.97 -18.75 14.17
C ALA B 46 12.48 -20.05 13.55
N LEU B 47 12.73 -20.05 12.24
CA LEU B 47 13.30 -21.24 11.61
C LEU B 47 14.78 -21.38 11.94
N GLU B 48 15.51 -20.26 11.95
CA GLU B 48 16.90 -20.26 12.42
C GLU B 48 17.00 -20.77 13.86
N GLU B 49 16.01 -20.47 14.70
CA GLU B 49 16.05 -20.90 16.09
C GLU B 49 15.94 -22.42 16.21
N GLU B 50 14.93 -23.01 15.57
CA GLU B 50 14.65 -24.43 15.79
C GLU B 50 15.69 -25.33 15.15
N PHE B 51 16.25 -24.93 14.01
CA PHE B 51 17.19 -25.78 13.28
C PHE B 51 18.63 -25.31 13.40
N ASP B 52 18.91 -24.29 14.20
CA ASP B 52 20.27 -23.82 14.50
C ASP B 52 21.07 -23.56 13.22
N THR B 53 20.39 -23.06 12.20
CA THR B 53 21.04 -22.51 11.03
C THR B 53 20.96 -20.99 11.11
N GLU B 54 21.81 -20.32 10.32
CA GLU B 54 21.78 -18.86 10.20
C GLU B 54 21.57 -18.55 8.73
N ILE B 55 20.33 -18.20 8.36
CA ILE B 55 19.98 -17.98 6.96
C ILE B 55 20.44 -16.59 6.53
N PRO B 56 21.37 -16.49 5.58
CA PRO B 56 21.74 -15.16 5.07
C PRO B 56 20.57 -14.51 4.37
N ASP B 57 20.34 -13.23 4.69
CA ASP B 57 19.13 -12.56 4.24
C ASP B 57 19.07 -12.36 2.72
N GLU B 58 20.11 -12.72 1.97
CA GLU B 58 19.99 -12.76 0.51
C GLU B 58 19.09 -13.91 0.08
N GLU B 59 19.18 -15.06 0.74
CA GLU B 59 18.36 -16.21 0.40
C GLU B 59 17.17 -16.41 1.33
N ALA B 60 17.13 -15.71 2.47
CA ALA B 60 15.89 -15.64 3.23
C ALA B 60 14.78 -15.01 2.41
N GLU B 61 15.14 -14.07 1.53
CA GLU B 61 14.14 -13.40 0.70
C GLU B 61 13.56 -14.30 -0.38
N LYS B 62 14.21 -15.44 -0.66
CA LYS B 62 13.65 -16.43 -1.58
C LYS B 62 12.69 -17.40 -0.90
N ILE B 63 12.68 -17.43 0.43
CA ILE B 63 11.87 -18.39 1.18
C ILE B 63 10.49 -17.76 1.32
N THR B 64 9.64 -18.02 0.31
CA THR B 64 8.31 -17.43 0.22
C THR B 64 7.18 -18.46 0.30
N THR B 65 7.47 -19.75 0.29
CA THR B 65 6.48 -20.80 0.38
C THR B 65 6.91 -21.83 1.41
N VAL B 66 5.96 -22.68 1.81
CA VAL B 66 6.25 -23.76 2.74
C VAL B 66 7.34 -24.67 2.19
N GLN B 67 7.26 -25.00 0.89
CA GLN B 67 8.25 -25.90 0.31
C GLN B 67 9.61 -25.25 0.20
N ALA B 68 9.66 -23.92 -0.03
CA ALA B 68 10.96 -23.27 -0.10
C ALA B 68 11.67 -23.33 1.24
N ALA B 69 10.91 -23.27 2.33
CA ALA B 69 11.50 -23.36 3.66
C ALA B 69 11.96 -24.79 3.95
N ILE B 70 11.10 -25.78 3.63
CA ILE B 70 11.45 -27.18 3.78
C ILE B 70 12.74 -27.48 3.00
N ASP B 71 12.80 -27.04 1.75
CA ASP B 71 13.95 -27.35 0.91
C ASP B 71 15.21 -26.69 1.44
N TYR B 72 15.11 -25.50 2.03
CA TYR B 72 16.30 -24.85 2.54
C TYR B 72 16.87 -25.60 3.74
N ILE B 73 16.01 -25.93 4.71
CA ILE B 73 16.43 -26.73 5.85
C ILE B 73 16.84 -28.14 5.41
N ASN B 74 16.40 -28.58 4.23
CA ASN B 74 16.73 -29.89 3.63
C ASN B 74 16.05 -31.02 4.38
#